data_7TH6
#
_entry.id   7TH6
#
_cell.length_a   38.632
_cell.length_b   38.632
_cell.length_c   103.509
_cell.angle_alpha   90.000
_cell.angle_beta   90.000
_cell.angle_gamma   90.000
#
_symmetry.space_group_name_H-M   'P 43'
#
loop_
_entity.id
_entity.type
_entity.pdbx_description
1 polymer 'Peptidyl-prolyl cis-trans isomerase F, mitochondrial'
2 non-polymer "4'-{[(4S,7S,11R,13E,19S)-19-{[2-(2-aminoethoxy)ethyl]carbamoyl}-7-benzyl-3,6,12,15,21-pentaoxo-1,3,4,5,6,7,8,9,10,12,15,16,17,18,19,20,21,22-octadecahydro-2H-7,11-methano-2,5,11,16,20-benzopentaazacyclotetracosin-4-yl]methyl}-2-methyl[1,1'-biphenyl]-4-carboxylic acid"
3 water water
#
_entity_poly.entity_id   1
_entity_poly.type   'polypeptide(L)'
_entity_poly.pdbx_seq_one_letter_code
;GNPLVYLDVDANGKPLGRVVLELKADVVPKTAENFRALCTGEKGFGYKGSTFHRVIPSFMCQAGDFTNHNGTGGKSIYGS
RFPDENFTLKHVGPGVLSMANAGPNTNGSQFFICTIKTDWLDGKHVVFGHVIEGMDVVKKIESFGSKSGRTSKKIVITDC
GQLS
;
_entity_poly.pdbx_strand_id   A
#
# COMPACT_ATOMS: atom_id res chain seq x y z
N ASN A 2 16.52 1.19 -6.66
CA ASN A 2 15.21 1.30 -6.05
C ASN A 2 14.27 2.19 -6.88
N PRO A 3 13.25 1.60 -7.49
CA PRO A 3 12.30 2.38 -8.26
C PRO A 3 11.49 3.32 -7.38
N LEU A 4 11.02 4.38 -8.01
CA LEU A 4 10.08 5.30 -7.39
C LEU A 4 8.75 5.19 -8.13
N VAL A 5 7.67 5.19 -7.38
CA VAL A 5 6.33 5.11 -7.92
C VAL A 5 5.46 6.14 -7.21
N TYR A 6 4.26 6.37 -7.76
CA TYR A 6 3.37 7.37 -7.20
C TYR A 6 1.94 6.87 -7.17
N LEU A 7 1.20 7.39 -6.20
CA LEU A 7 -0.24 7.24 -6.10
C LEU A 7 -0.87 8.62 -6.01
N ASP A 8 -1.84 8.93 -6.85
CA ASP A 8 -2.62 10.15 -6.73
C ASP A 8 -3.96 9.77 -6.10
N VAL A 9 -4.37 10.48 -5.04
CA VAL A 9 -5.49 10.04 -4.23
C VAL A 9 -6.51 11.17 -4.11
N ASP A 10 -7.79 10.81 -4.13
N ASP A 10 -7.79 10.80 -4.20
CA ASP A 10 -8.86 11.77 -3.90
CA ASP A 10 -8.96 11.65 -4.01
C ASP A 10 -9.80 11.24 -2.82
C ASP A 10 -9.68 11.28 -2.71
N ALA A 11 -10.58 12.16 -2.28
CA ALA A 11 -11.57 11.85 -1.26
C ALA A 11 -12.91 12.39 -1.74
N ASN A 12 -13.87 11.50 -1.95
CA ASN A 12 -15.18 11.88 -2.54
C ASN A 12 -14.97 12.80 -3.75
N GLY A 13 -14.03 12.43 -4.59
CA GLY A 13 -13.82 13.11 -5.84
C GLY A 13 -12.99 14.37 -5.76
N LYS A 14 -12.50 14.74 -4.60
CA LYS A 14 -11.65 15.93 -4.47
C LYS A 14 -10.21 15.52 -4.26
N PRO A 15 -9.29 16.01 -5.06
CA PRO A 15 -7.90 15.55 -4.96
C PRO A 15 -7.28 15.89 -3.62
N LEU A 16 -6.53 14.94 -3.09
CA LEU A 16 -5.75 15.13 -1.88
C LEU A 16 -4.29 15.37 -2.20
N GLY A 17 -3.83 14.98 -3.37
CA GLY A 17 -2.43 15.09 -3.73
C GLY A 17 -1.82 13.74 -4.04
N ARG A 18 -0.48 13.72 -4.03
CA ARG A 18 0.32 12.63 -4.55
C ARG A 18 1.18 12.07 -3.42
N VAL A 19 1.28 10.76 -3.35
CA VAL A 19 2.22 10.06 -2.49
C VAL A 19 3.28 9.45 -3.39
N VAL A 20 4.54 9.74 -3.11
CA VAL A 20 5.66 9.16 -3.84
C VAL A 20 6.34 8.14 -2.94
N LEU A 21 6.55 6.94 -3.46
CA LEU A 21 7.07 5.81 -2.68
C LEU A 21 8.35 5.31 -3.35
N GLU A 22 9.39 5.09 -2.55
CA GLU A 22 10.58 4.38 -3.00
C GLU A 22 10.41 2.92 -2.62
N LEU A 23 10.65 2.04 -3.59
CA LEU A 23 10.56 0.60 -3.36
C LEU A 23 11.96 0.04 -3.17
N LYS A 24 12.16 -0.68 -2.07
CA LYS A 24 13.47 -1.17 -1.68
C LYS A 24 13.79 -2.48 -2.40
N ALA A 25 13.95 -2.35 -3.73
CA ALA A 25 14.27 -3.49 -4.56
C ALA A 25 15.64 -4.03 -4.26
N ASP A 26 16.52 -3.25 -3.63
CA ASP A 26 17.82 -3.75 -3.22
C ASP A 26 17.75 -4.73 -2.05
N VAL A 27 16.60 -4.81 -1.38
CA VAL A 27 16.40 -5.73 -0.26
C VAL A 27 15.33 -6.77 -0.58
N VAL A 28 14.24 -6.36 -1.21
CA VAL A 28 13.12 -7.22 -1.55
C VAL A 28 12.76 -7.02 -3.01
N PRO A 29 13.63 -7.43 -3.92
CA PRO A 29 13.36 -7.15 -5.33
C PRO A 29 12.07 -7.76 -5.88
N LYS A 30 11.67 -8.97 -5.45
CA LYS A 30 10.46 -9.54 -6.00
C LYS A 30 9.23 -8.79 -5.51
N THR A 31 9.23 -8.40 -4.23
CA THR A 31 8.11 -7.67 -3.65
C THR A 31 8.02 -6.28 -4.25
N ALA A 32 9.15 -5.62 -4.43
CA ALA A 32 9.16 -4.31 -5.07
C ALA A 32 8.61 -4.39 -6.48
N GLU A 33 9.02 -5.40 -7.23
CA GLU A 33 8.59 -5.51 -8.63
C GLU A 33 7.09 -5.70 -8.73
N ASN A 34 6.50 -6.50 -7.85
CA ASN A 34 5.05 -6.65 -7.83
C ASN A 34 4.36 -5.30 -7.67
N PHE A 35 4.77 -4.55 -6.65
CA PHE A 35 4.12 -3.28 -6.40
C PHE A 35 4.31 -2.32 -7.57
N ARG A 36 5.54 -2.27 -8.11
CA ARG A 36 5.83 -1.40 -9.25
C ARG A 36 4.86 -1.68 -10.40
N ALA A 37 4.76 -2.96 -10.77
CA ALA A 37 3.90 -3.33 -11.90
C ALA A 37 2.43 -3.09 -11.60
N LEU A 38 2.00 -3.25 -10.35
CA LEU A 38 0.61 -2.94 -10.04
C LEU A 38 0.33 -1.43 -10.09
N CYS A 39 1.36 -0.60 -9.85
CA CYS A 39 1.21 0.84 -10.05
C CYS A 39 1.11 1.19 -11.51
N THR A 40 1.94 0.58 -12.37
CA THR A 40 1.87 0.95 -13.78
C THR A 40 0.65 0.36 -14.45
N GLY A 41 0.12 -0.76 -13.94
CA GLY A 41 -0.95 -1.47 -14.60
C GLY A 41 -0.53 -2.31 -15.77
N GLU A 42 0.77 -2.50 -15.98
CA GLU A 42 1.26 -3.07 -17.23
C GLU A 42 0.87 -4.52 -17.44
N LYS A 43 0.47 -5.24 -16.41
CA LYS A 43 0.00 -6.62 -16.56
C LYS A 43 -1.49 -6.71 -16.83
N GLY A 44 -2.19 -5.59 -16.90
CA GLY A 44 -3.62 -5.60 -17.18
C GLY A 44 -4.50 -5.47 -15.97
N PHE A 45 -3.91 -5.28 -14.80
CA PHE A 45 -4.65 -5.04 -13.57
C PHE A 45 -3.72 -4.28 -12.65
N GLY A 46 -4.29 -3.67 -11.62
CA GLY A 46 -3.46 -2.91 -10.72
C GLY A 46 -4.29 -1.94 -9.90
N TYR A 47 -3.59 -0.98 -9.30
CA TYR A 47 -4.21 -0.16 -8.27
C TYR A 47 -5.11 0.93 -8.79
N LYS A 48 -4.97 1.37 -10.03
CA LYS A 48 -5.73 2.55 -10.46
C LYS A 48 -7.21 2.28 -10.32
N GLY A 49 -7.92 3.21 -9.66
CA GLY A 49 -9.34 3.11 -9.50
C GLY A 49 -9.78 2.43 -8.23
N SER A 50 -8.87 1.83 -7.50
CA SER A 50 -9.20 1.15 -6.26
C SER A 50 -9.03 2.11 -5.08
N THR A 51 -9.29 1.62 -3.87
CA THR A 51 -9.50 2.52 -2.73
C THR A 51 -8.58 2.21 -1.56
N PHE A 52 -8.47 3.19 -0.66
CA PHE A 52 -8.00 2.93 0.70
C PHE A 52 -9.22 2.50 1.51
N HIS A 53 -9.37 1.19 1.72
CA HIS A 53 -10.61 0.67 2.29
C HIS A 53 -10.59 0.54 3.80
N ARG A 54 -9.44 0.60 4.43
N ARG A 54 -9.43 0.54 4.43
CA ARG A 54 -9.33 0.43 5.88
CA ARG A 54 -9.34 0.43 5.88
C ARG A 54 -8.28 1.43 6.32
C ARG A 54 -8.27 1.40 6.36
N VAL A 55 -8.70 2.42 7.09
CA VAL A 55 -7.82 3.50 7.50
C VAL A 55 -8.05 3.72 8.98
N ILE A 56 -7.01 3.50 9.79
CA ILE A 56 -7.14 3.56 11.23
C ILE A 56 -6.16 4.58 11.75
N PRO A 57 -6.64 5.69 12.29
CA PRO A 57 -5.73 6.72 12.80
C PRO A 57 -4.79 6.17 13.86
N SER A 58 -3.56 6.65 13.83
CA SER A 58 -2.51 6.22 14.74
C SER A 58 -2.14 4.75 14.52
N PHE A 59 -2.40 4.24 13.32
CA PHE A 59 -2.00 2.89 12.98
C PHE A 59 -1.50 2.85 11.55
N MET A 60 -2.40 2.81 10.57
CA MET A 60 -1.98 2.69 9.17
C MET A 60 -3.15 2.95 8.25
N CYS A 61 -2.81 3.15 6.98
CA CYS A 61 -3.75 3.34 5.89
C CYS A 61 -3.57 2.16 4.91
N GLN A 62 -4.63 1.37 4.66
CA GLN A 62 -4.52 0.13 3.89
C GLN A 62 -5.29 0.27 2.58
N ALA A 63 -4.70 -0.29 1.52
CA ALA A 63 -5.26 -0.18 0.19
C ALA A 63 -4.88 -1.41 -0.62
N GLY A 64 -5.18 -1.39 -1.89
CA GLY A 64 -4.72 -2.41 -2.82
C GLY A 64 -5.64 -3.56 -3.09
N ASP A 65 -6.85 -3.56 -2.51
CA ASP A 65 -7.81 -4.63 -2.81
C ASP A 65 -8.62 -4.21 -4.04
N PHE A 66 -8.02 -4.37 -5.22
CA PHE A 66 -8.66 -3.96 -6.46
C PHE A 66 -9.63 -5.00 -7.00
N THR A 67 -9.81 -6.13 -6.32
CA THR A 67 -10.81 -7.10 -6.75
C THR A 67 -12.09 -7.03 -5.94
N ASN A 68 -12.00 -6.88 -4.61
CA ASN A 68 -13.17 -6.91 -3.75
C ASN A 68 -13.39 -5.63 -2.97
N HIS A 69 -12.41 -4.74 -2.92
CA HIS A 69 -12.57 -3.40 -2.35
C HIS A 69 -12.93 -3.41 -0.88
N ASN A 70 -12.54 -4.47 -0.15
CA ASN A 70 -12.97 -4.55 1.24
C ASN A 70 -11.96 -5.24 2.13
N GLY A 71 -10.77 -5.59 1.62
CA GLY A 71 -9.77 -6.24 2.43
C GLY A 71 -9.73 -7.74 2.29
N THR A 72 -10.62 -8.32 1.49
CA THR A 72 -10.65 -9.76 1.28
C THR A 72 -9.97 -10.21 0.02
N GLY A 73 -9.55 -9.29 -0.85
CA GLY A 73 -9.10 -9.66 -2.16
C GLY A 73 -7.72 -9.21 -2.53
N GLY A 74 -7.55 -8.95 -3.82
CA GLY A 74 -6.28 -8.60 -4.42
C GLY A 74 -5.58 -9.84 -4.97
N LYS A 75 -4.58 -9.60 -5.81
CA LYS A 75 -3.75 -10.66 -6.36
C LYS A 75 -2.44 -10.02 -6.81
N SER A 76 -1.40 -10.84 -6.88
CA SER A 76 -0.09 -10.38 -7.30
C SER A 76 0.08 -10.55 -8.81
N ILE A 77 1.17 -9.98 -9.32
CA ILE A 77 1.51 -10.18 -10.72
C ILE A 77 2.01 -11.60 -10.97
N TYR A 78 2.30 -12.33 -9.91
CA TYR A 78 2.85 -13.67 -10.00
C TYR A 78 1.80 -14.75 -9.88
N GLY A 79 0.59 -14.40 -9.50
CA GLY A 79 -0.44 -15.36 -9.15
C GLY A 79 -1.17 -14.89 -7.92
N SER A 80 -1.97 -15.80 -7.35
N SER A 80 -1.97 -15.80 -7.34
N SER A 80 -1.92 -15.82 -7.32
CA SER A 80 -2.84 -15.43 -6.25
CA SER A 80 -2.84 -15.43 -6.24
CA SER A 80 -2.85 -15.48 -6.25
C SER A 80 -2.06 -14.93 -5.04
C SER A 80 -2.05 -14.91 -5.04
C SER A 80 -2.11 -15.00 -4.99
N ARG A 81 -0.98 -15.62 -4.65
CA ARG A 81 -0.17 -15.25 -3.49
C ARG A 81 1.29 -15.47 -3.85
N PHE A 82 2.18 -14.78 -3.15
CA PHE A 82 3.60 -15.09 -3.21
C PHE A 82 4.20 -15.01 -1.83
N PRO A 83 5.32 -15.70 -1.61
CA PRO A 83 5.83 -15.83 -0.24
C PRO A 83 6.47 -14.56 0.30
N ASP A 84 6.59 -14.53 1.61
CA ASP A 84 7.30 -13.46 2.32
C ASP A 84 8.77 -13.52 1.93
N GLU A 85 9.21 -12.50 1.19
CA GLU A 85 10.54 -12.56 0.58
C GLU A 85 11.62 -12.60 1.64
N ASN A 86 11.54 -11.70 2.60
CA ASN A 86 12.32 -11.69 3.82
C ASN A 86 11.66 -10.69 4.76
N PHE A 87 12.14 -10.68 6.02
CA PHE A 87 11.69 -9.71 7.00
C PHE A 87 12.83 -8.76 7.40
N THR A 88 13.70 -8.46 6.45
CA THR A 88 14.89 -7.69 6.76
C THR A 88 14.54 -6.26 7.21
N LEU A 89 13.66 -5.59 6.48
CA LEU A 89 13.25 -4.26 6.83
C LEU A 89 12.17 -4.29 7.90
N LYS A 90 12.21 -3.31 8.78
CA LYS A 90 11.31 -3.25 9.92
C LYS A 90 10.35 -2.09 9.82
N HIS A 91 9.27 -2.19 10.61
CA HIS A 91 8.23 -1.17 10.66
C HIS A 91 8.70 -0.11 11.64
N VAL A 92 9.54 0.82 11.15
CA VAL A 92 10.29 1.66 12.07
C VAL A 92 9.59 2.95 12.43
N GLY A 93 8.54 3.35 11.72
CA GLY A 93 7.89 4.61 11.97
C GLY A 93 6.88 4.92 10.91
N PRO A 94 6.21 6.08 11.02
CA PRO A 94 5.28 6.52 9.99
C PRO A 94 5.99 6.60 8.64
N GLY A 95 5.28 6.24 7.58
CA GLY A 95 5.81 6.34 6.24
C GLY A 95 6.34 5.03 5.69
N VAL A 96 6.43 3.98 6.50
CA VAL A 96 6.85 2.68 6.02
C VAL A 96 5.74 2.05 5.19
N LEU A 97 6.11 1.47 4.05
CA LEU A 97 5.24 0.77 3.15
C LEU A 97 5.46 -0.73 3.28
N SER A 98 4.39 -1.49 3.53
CA SER A 98 4.49 -2.89 3.88
C SER A 98 3.31 -3.66 3.27
N MET A 99 3.51 -4.97 3.12
CA MET A 99 2.46 -5.80 2.52
C MET A 99 1.43 -6.21 3.56
N ALA A 100 0.15 -6.00 3.23
CA ALA A 100 -0.91 -6.63 4.02
C ALA A 100 -0.90 -8.14 3.73
N ASN A 101 -1.37 -8.94 4.68
CA ASN A 101 -1.43 -10.38 4.48
C ASN A 101 -2.47 -10.96 5.40
N ALA A 102 -2.72 -12.27 5.20
CA ALA A 102 -3.62 -13.07 6.01
C ALA A 102 -2.85 -14.23 6.61
N GLY A 103 -1.61 -13.97 7.05
CA GLY A 103 -0.74 -15.00 7.57
C GLY A 103 0.44 -15.27 6.66
N PRO A 104 1.22 -16.30 6.98
CA PRO A 104 2.48 -16.53 6.25
C PRO A 104 2.28 -16.70 4.75
N ASN A 105 3.11 -16.02 3.97
CA ASN A 105 3.18 -16.24 2.54
C ASN A 105 1.85 -16.00 1.82
N THR A 106 1.16 -14.92 2.20
CA THR A 106 -0.10 -14.57 1.56
C THR A 106 -0.04 -13.14 0.99
N ASN A 107 1.08 -12.77 0.41
CA ASN A 107 1.19 -11.49 -0.25
C ASN A 107 0.46 -11.51 -1.58
N GLY A 108 -0.37 -10.53 -1.82
CA GLY A 108 -1.07 -10.39 -3.09
C GLY A 108 -0.79 -9.00 -3.65
N SER A 109 -1.77 -8.13 -3.49
CA SER A 109 -1.66 -6.72 -3.85
C SER A 109 -1.91 -5.76 -2.70
N GLN A 110 -2.64 -6.16 -1.67
CA GLN A 110 -2.96 -5.23 -0.62
C GLN A 110 -1.69 -4.84 0.13
N PHE A 111 -1.66 -3.56 0.54
CA PHE A 111 -0.50 -2.95 1.15
C PHE A 111 -0.99 -1.96 2.19
N PHE A 112 -0.06 -1.46 3.00
CA PHE A 112 -0.40 -0.42 3.94
C PHE A 112 0.77 0.53 4.10
N ILE A 113 0.42 1.77 4.44
CA ILE A 113 1.38 2.81 4.80
C ILE A 113 1.19 3.11 6.27
N CYS A 114 2.24 2.93 7.04
CA CYS A 114 2.15 3.13 8.48
C CYS A 114 2.02 4.61 8.82
N THR A 115 1.26 4.91 9.88
CA THR A 115 1.22 6.25 10.43
C THR A 115 1.74 6.28 11.86
N ILE A 116 2.40 5.22 12.28
CA ILE A 116 3.06 5.06 13.57
C ILE A 116 4.05 3.93 13.39
N LYS A 117 4.97 3.78 14.32
CA LYS A 117 5.84 2.61 14.36
C LYS A 117 4.99 1.38 14.69
N THR A 118 4.84 0.44 13.76
CA THR A 118 4.03 -0.76 13.98
C THR A 118 4.95 -1.96 14.19
N ASP A 119 5.77 -1.89 15.22
CA ASP A 119 6.81 -2.89 15.42
C ASP A 119 6.26 -4.27 15.76
N TRP A 120 5.01 -4.35 16.24
CA TRP A 120 4.39 -5.64 16.48
C TRP A 120 4.12 -6.39 15.18
N LEU A 121 4.28 -5.74 14.01
CA LEU A 121 4.16 -6.41 12.73
C LEU A 121 5.50 -6.89 12.19
N ASP A 122 6.60 -6.55 12.85
CA ASP A 122 7.91 -6.99 12.40
C ASP A 122 7.96 -8.51 12.38
N GLY A 123 8.50 -9.06 11.31
CA GLY A 123 8.58 -10.50 11.19
C GLY A 123 7.31 -11.15 10.75
N LYS A 124 6.25 -10.38 10.58
CA LYS A 124 4.95 -10.87 10.13
C LYS A 124 4.54 -10.29 8.80
N HIS A 125 4.85 -9.02 8.54
CA HIS A 125 4.56 -8.36 7.28
C HIS A 125 5.86 -7.93 6.64
N VAL A 126 5.96 -8.09 5.33
CA VAL A 126 7.14 -7.71 4.57
C VAL A 126 7.11 -6.21 4.25
N VAL A 127 8.06 -5.51 4.83
CA VAL A 127 8.30 -4.09 4.51
C VAL A 127 9.08 -4.05 3.21
N PHE A 128 8.66 -3.16 2.32
CA PHE A 128 9.27 -3.13 1.00
C PHE A 128 9.46 -1.71 0.44
N GLY A 129 9.19 -0.66 1.21
CA GLY A 129 9.43 0.67 0.71
C GLY A 129 9.04 1.70 1.73
N HIS A 130 9.11 2.97 1.29
N HIS A 130 8.90 2.91 1.28
CA HIS A 130 8.93 4.12 2.15
CA HIS A 130 8.51 3.95 2.20
C HIS A 130 8.39 5.31 1.38
C HIS A 130 8.22 5.19 1.39
N VAL A 131 7.53 6.09 2.04
CA VAL A 131 7.16 7.39 1.50
C VAL A 131 8.39 8.28 1.38
N ILE A 132 8.56 8.92 0.23
CA ILE A 132 9.61 9.91 -0.02
C ILE A 132 9.03 11.32 -0.10
N GLU A 133 7.85 11.46 -0.67
CA GLU A 133 7.16 12.73 -0.81
C GLU A 133 5.69 12.47 -0.53
N GLY A 134 4.99 13.48 -0.03
CA GLY A 134 3.58 13.34 0.17
C GLY A 134 3.19 12.70 1.47
N MET A 135 4.06 12.72 2.49
CA MET A 135 3.62 12.23 3.79
C MET A 135 2.43 13.06 4.28
N ASP A 136 2.36 14.34 3.91
CA ASP A 136 1.20 15.14 4.26
C ASP A 136 -0.08 14.60 3.64
N VAL A 137 0.02 14.05 2.43
CA VAL A 137 -1.12 13.41 1.81
C VAL A 137 -1.52 12.14 2.56
N VAL A 138 -0.53 11.35 3.03
CA VAL A 138 -0.84 10.21 3.87
C VAL A 138 -1.58 10.64 5.12
N LYS A 139 -1.14 11.74 5.75
CA LYS A 139 -1.84 12.23 6.94
C LYS A 139 -3.25 12.68 6.59
N LYS A 140 -3.46 13.23 5.40
CA LYS A 140 -4.82 13.56 4.97
C LYS A 140 -5.67 12.29 4.84
N ILE A 141 -5.14 11.26 4.20
CA ILE A 141 -5.86 9.99 4.12
C ILE A 141 -6.22 9.50 5.52
N GLU A 142 -5.24 9.53 6.43
CA GLU A 142 -5.46 9.08 7.79
C GLU A 142 -6.64 9.81 8.44
N SER A 143 -6.75 11.10 8.15
CA SER A 143 -7.80 11.92 8.75
C SER A 143 -9.18 11.51 8.30
N PHE A 144 -9.28 10.75 7.20
CA PHE A 144 -10.55 10.23 6.71
C PHE A 144 -10.81 8.82 7.20
N GLY A 145 -10.02 8.30 8.14
CA GLY A 145 -10.26 7.01 8.73
C GLY A 145 -11.02 7.13 10.05
N SER A 146 -11.11 6.00 10.75
CA SER A 146 -11.79 5.94 12.04
C SER A 146 -11.31 4.69 12.76
N LYS A 147 -11.67 4.56 14.03
CA LYS A 147 -11.16 3.45 14.84
C LYS A 147 -11.46 2.10 14.23
N SER A 148 -12.66 1.89 13.68
CA SER A 148 -13.03 0.59 13.12
C SER A 148 -12.37 0.31 11.80
N GLY A 149 -11.73 1.32 11.22
CA GLY A 149 -11.18 1.29 9.89
C GLY A 149 -12.07 1.87 8.81
N ARG A 150 -13.35 2.07 9.11
CA ARG A 150 -14.27 2.62 8.13
C ARG A 150 -13.91 4.07 7.82
N THR A 151 -13.89 4.40 6.54
CA THR A 151 -13.55 5.76 6.12
C THR A 151 -14.80 6.64 6.08
N SER A 152 -14.58 7.93 6.32
CA SER A 152 -15.63 8.94 6.28
C SER A 152 -15.86 9.51 4.89
N LYS A 153 -14.94 9.24 3.97
CA LYS A 153 -15.07 9.60 2.55
C LYS A 153 -14.50 8.44 1.76
N LYS A 154 -14.92 8.32 0.51
CA LYS A 154 -14.39 7.29 -0.37
C LYS A 154 -13.03 7.75 -0.90
N ILE A 155 -11.98 7.04 -0.54
CA ILE A 155 -10.61 7.43 -0.82
C ILE A 155 -10.13 6.59 -1.99
N VAL A 156 -9.94 7.21 -3.15
CA VAL A 156 -9.67 6.51 -4.41
C VAL A 156 -8.27 6.87 -4.92
N ILE A 157 -7.54 5.85 -5.37
CA ILE A 157 -6.30 6.04 -6.12
C ILE A 157 -6.71 6.33 -7.56
N THR A 158 -6.73 7.62 -7.93
CA THR A 158 -7.26 8.00 -9.24
C THR A 158 -6.24 7.78 -10.35
N ASP A 159 -4.96 7.76 -10.01
CA ASP A 159 -3.91 7.45 -10.97
C ASP A 159 -2.73 6.94 -10.17
N CYS A 160 -1.85 6.20 -10.84
CA CYS A 160 -0.66 5.71 -10.20
C CYS A 160 0.27 5.26 -11.34
N GLY A 161 1.54 5.10 -10.99
CA GLY A 161 2.51 4.76 -12.01
C GLY A 161 3.92 4.82 -11.48
N GLN A 162 4.86 4.73 -12.41
CA GLN A 162 6.28 4.69 -12.07
C GLN A 162 6.92 6.03 -12.45
N LEU A 163 7.79 6.51 -11.57
CA LEU A 163 8.56 7.73 -11.80
C LEU A 163 9.98 7.46 -12.27
N SER A 164 10.62 6.43 -11.75
CA SER A 164 11.98 6.11 -12.13
C SER A 164 12.28 4.68 -11.74
#